data_7QUL
#
_entry.id   7QUL
#
_cell.length_a   51.625
_cell.length_b   72.892
_cell.length_c   81.276
_cell.angle_alpha   90.000
_cell.angle_beta   103.590
_cell.angle_gamma   90.000
#
_symmetry.space_group_name_H-M   'I 1 2 1'
#
loop_
_entity.id
_entity.type
_entity.pdbx_description
1 polymer '6-hydroxycyclohex-1-ene-1-carbonyl-CoA dehydrogenase'
2 non-polymer 1,2-ETHANEDIOL
3 non-polymer 'ZINC ION'
4 water water
#
_entity_poly.entity_id   1
_entity_poly.type   'polypeptide(L)'
_entity_poly.pdbx_seq_one_letter_code
;MSSNPHRWMMTSPGAPMVRAEFEIGELSADQVVVAVAGCGVCHTDLGYYYDSVRTNHALPLALGHEISGRVVQAGANAAQ
WLGRAVIVPAVMPCGTCELCTSGHGTICRDQVMPGNDIQGGFASHVVVPARGLCPVDEARLAAAGLQLADVSVVADAVTT
PYQAVLQAGVEPGDVAVVIGVGGVGGYAVQIANAFGASVVAIDVDPAKLEMMSKHGAALTLNAREISGRDLKKAIEAHAK
ANGLRLTRWKIFECSGTGAGQTSAYGLLTHGATLAVVGFTMDKVEVRLSNLMAFHARALGNWGCLPEYYPAALDLVLDAA
IDLASFIERHPLDQIGEVFAAAHAHKLTRRAILTP
;
_entity_poly.pdbx_strand_id   A
#
loop_
_chem_comp.id
_chem_comp.type
_chem_comp.name
_chem_comp.formula
EDO non-polymer 1,2-ETHANEDIOL 'C2 H6 O2'
ZN non-polymer 'ZINC ION' 'Zn 2'
#
# COMPACT_ATOMS: atom_id res chain seq x y z
N SER A 3 -3.47 17.58 -26.93
CA SER A 3 -4.45 18.44 -26.21
C SER A 3 -5.42 17.58 -25.40
N ASN A 4 -6.24 16.73 -26.05
CA ASN A 4 -7.15 15.77 -25.36
C ASN A 4 -6.36 14.83 -24.45
N PRO A 5 -6.90 14.47 -23.28
CA PRO A 5 -6.25 13.46 -22.45
C PRO A 5 -6.32 12.08 -23.09
N HIS A 6 -5.61 11.14 -22.51
CA HIS A 6 -5.56 9.75 -22.98
C HIS A 6 -5.41 8.82 -21.78
N ARG A 7 -5.81 7.58 -21.97
CA ARG A 7 -5.66 6.49 -20.98
C ARG A 7 -5.08 5.29 -21.71
N TRP A 8 -4.38 4.43 -20.97
CA TRP A 8 -4.01 3.07 -21.46
C TRP A 8 -4.94 2.07 -20.78
N MET A 9 -5.75 1.40 -21.59
CA MET A 9 -6.88 0.60 -21.08
C MET A 9 -6.59 -0.88 -21.32
N MET A 10 -7.15 -1.70 -20.44
CA MET A 10 -7.29 -3.15 -20.65
C MET A 10 -8.63 -3.40 -21.35
N THR A 11 -8.58 -3.90 -22.56
CA THR A 11 -9.77 -4.24 -23.39
C THR A 11 -10.23 -5.65 -22.97
N SER A 12 -9.25 -6.49 -22.62
CA SER A 12 -9.45 -7.86 -22.11
C SER A 12 -8.22 -8.26 -21.32
N PRO A 13 -8.37 -9.07 -20.26
CA PRO A 13 -7.21 -9.56 -19.52
C PRO A 13 -6.19 -10.23 -20.46
N GLY A 14 -4.94 -9.77 -20.44
CA GLY A 14 -3.85 -10.37 -21.22
C GLY A 14 -3.72 -9.84 -22.63
N ALA A 15 -4.71 -9.08 -23.14
CA ALA A 15 -4.67 -8.36 -24.45
C ALA A 15 -3.73 -7.17 -24.33
N PRO A 16 -3.07 -6.72 -25.42
CA PRO A 16 -2.13 -5.60 -25.31
C PRO A 16 -2.96 -4.41 -24.81
N MET A 17 -2.39 -3.58 -23.94
CA MET A 17 -3.06 -2.34 -23.44
C MET A 17 -3.20 -1.40 -24.62
N VAL A 18 -4.31 -0.65 -24.69
CA VAL A 18 -4.59 0.21 -25.88
C VAL A 18 -4.71 1.67 -25.43
N ARG A 19 -3.94 2.55 -26.08
CA ARG A 19 -3.98 4.02 -25.88
C ARG A 19 -5.30 4.53 -26.45
N ALA A 20 -6.06 5.29 -25.67
CA ALA A 20 -7.40 5.79 -26.04
C ALA A 20 -7.54 7.23 -25.57
N GLU A 21 -7.62 8.17 -26.50
CA GLU A 21 -7.98 9.58 -26.22
C GLU A 21 -9.42 9.61 -25.72
N PHE A 22 -9.75 10.57 -24.86
CA PHE A 22 -11.12 10.79 -24.35
C PHE A 22 -11.27 12.29 -24.14
N GLU A 23 -12.49 12.79 -24.14
CA GLU A 23 -12.82 14.20 -23.85
C GLU A 23 -13.37 14.24 -22.43
N ILE A 24 -13.00 15.25 -21.66
CA ILE A 24 -13.45 15.41 -20.25
C ILE A 24 -14.95 15.73 -20.26
N GLY A 25 -15.31 16.78 -21.01
CA GLY A 25 -16.66 17.38 -21.03
C GLY A 25 -16.99 18.10 -19.72
N GLU A 26 -18.28 18.39 -19.51
CA GLU A 26 -18.84 18.93 -18.24
C GLU A 26 -18.62 17.89 -17.14
N LEU A 27 -18.19 18.34 -15.97
CA LEU A 27 -18.03 17.54 -14.74
C LEU A 27 -19.31 17.65 -13.92
N SER A 28 -19.65 16.61 -13.15
CA SER A 28 -20.69 16.71 -12.09
C SER A 28 -20.11 17.50 -10.90
N ALA A 29 -20.98 17.90 -9.97
CA ALA A 29 -20.71 18.97 -8.99
C ALA A 29 -19.51 18.64 -8.08
N ASP A 30 -19.23 17.35 -7.83
CA ASP A 30 -18.31 16.90 -6.76
C ASP A 30 -17.17 16.08 -7.38
N GLN A 31 -16.93 16.22 -8.68
CA GLN A 31 -15.82 15.59 -9.41
C GLN A 31 -14.69 16.58 -9.62
N VAL A 32 -13.48 16.07 -9.72
CA VAL A 32 -12.31 16.87 -10.18
C VAL A 32 -11.62 16.08 -11.30
N VAL A 33 -10.83 16.78 -12.08
CA VAL A 33 -9.87 16.13 -13.00
C VAL A 33 -8.50 16.27 -12.35
N VAL A 34 -7.80 15.15 -12.08
CA VAL A 34 -6.36 15.25 -11.72
C VAL A 34 -5.48 14.93 -12.94
N ALA A 35 -4.59 15.84 -13.24
CA ALA A 35 -3.48 15.60 -14.19
C ALA A 35 -2.46 14.75 -13.45
N VAL A 36 -2.30 13.52 -13.92
CA VAL A 36 -1.57 12.45 -13.21
C VAL A 36 -0.07 12.80 -13.29
N ALA A 37 0.58 12.87 -12.13
CA ALA A 37 2.06 12.94 -12.03
C ALA A 37 2.61 11.52 -12.10
N GLY A 38 1.97 10.59 -11.39
CA GLY A 38 2.42 9.20 -11.27
C GLY A 38 1.30 8.32 -10.79
N CYS A 39 1.29 7.07 -11.25
CA CYS A 39 0.40 6.01 -10.72
C CYS A 39 1.26 4.78 -10.43
N GLY A 40 1.25 4.30 -9.18
CA GLY A 40 1.89 3.02 -8.79
C GLY A 40 1.31 1.83 -9.53
N VAL A 41 2.15 0.80 -9.73
CA VAL A 41 1.77 -0.50 -10.33
C VAL A 41 1.63 -1.51 -9.19
N CYS A 42 0.45 -2.10 -9.03
CA CYS A 42 0.07 -2.79 -7.77
C CYS A 42 -0.25 -4.25 -8.09
N HIS A 43 -0.10 -5.12 -7.11
CA HIS A 43 -0.53 -6.53 -7.24
C HIS A 43 -2.02 -6.56 -7.63
N THR A 44 -2.80 -5.57 -7.18
CA THR A 44 -4.26 -5.51 -7.48
C THR A 44 -4.45 -5.32 -9.00
N ASP A 45 -3.65 -4.46 -9.65
CA ASP A 45 -3.72 -4.22 -11.11
C ASP A 45 -3.38 -5.54 -11.83
N LEU A 46 -2.32 -6.20 -11.39
CA LEU A 46 -1.84 -7.44 -12.04
C LEU A 46 -2.92 -8.51 -11.90
N GLY A 47 -3.65 -8.50 -10.78
CA GLY A 47 -4.81 -9.39 -10.57
C GLY A 47 -5.87 -9.22 -11.64
N TYR A 48 -6.21 -7.98 -11.97
CA TYR A 48 -7.22 -7.75 -13.02
C TYR A 48 -6.67 -8.30 -14.33
N TYR A 49 -5.43 -7.97 -14.63
CA TYR A 49 -4.84 -8.16 -15.96
C TYR A 49 -4.47 -9.64 -16.15
N TYR A 50 -3.79 -10.25 -15.19
CA TYR A 50 -3.19 -11.60 -15.29
C TYR A 50 -4.11 -12.68 -14.67
N ASP A 51 -4.86 -12.34 -13.61
CA ASP A 51 -5.73 -13.29 -12.88
C ASP A 51 -7.21 -13.05 -13.22
N SER A 52 -7.50 -12.15 -14.17
CA SER A 52 -8.85 -11.84 -14.71
C SER A 52 -9.85 -11.60 -13.58
N VAL A 53 -9.41 -10.97 -12.49
CA VAL A 53 -10.33 -10.64 -11.36
C VAL A 53 -11.40 -9.69 -11.92
N ARG A 54 -12.68 -9.88 -11.59
CA ARG A 54 -13.76 -9.06 -12.17
C ARG A 54 -13.62 -7.63 -11.65
N THR A 55 -13.67 -6.67 -12.57
CA THR A 55 -13.78 -5.21 -12.24
C THR A 55 -15.28 -4.89 -12.17
N ASN A 56 -15.66 -3.90 -11.37
CA ASN A 56 -17.10 -3.51 -11.23
C ASN A 56 -17.53 -2.68 -12.46
N HIS A 57 -16.65 -1.83 -12.99
CA HIS A 57 -16.81 -1.12 -14.27
C HIS A 57 -16.61 -2.13 -15.41
N ALA A 58 -17.39 -2.02 -16.50
CA ALA A 58 -17.23 -2.91 -17.68
C ALA A 58 -15.98 -2.50 -18.45
N LEU A 59 -15.39 -3.42 -19.23
CA LEU A 59 -14.22 -3.12 -20.08
C LEU A 59 -14.66 -2.29 -21.30
N PRO A 60 -13.78 -1.48 -21.93
CA PRO A 60 -12.38 -1.38 -21.55
C PRO A 60 -12.21 -0.48 -20.32
N LEU A 61 -11.16 -0.75 -19.56
CA LEU A 61 -10.89 -0.02 -18.29
C LEU A 61 -9.40 0.23 -18.14
N ALA A 62 -9.03 1.48 -17.85
CA ALA A 62 -7.70 1.89 -17.37
C ALA A 62 -7.62 1.50 -15.90
N LEU A 63 -6.59 0.72 -15.60
CA LEU A 63 -6.24 0.28 -14.23
C LEU A 63 -5.46 1.42 -13.57
N GLY A 64 -4.99 1.20 -12.35
CA GLY A 64 -4.16 2.16 -11.62
C GLY A 64 -4.96 2.85 -10.54
N HIS A 65 -4.55 2.69 -9.29
CA HIS A 65 -5.29 3.24 -8.12
C HIS A 65 -4.34 3.88 -7.11
N GLU A 66 -3.09 4.17 -7.48
CA GLU A 66 -2.09 4.75 -6.55
C GLU A 66 -1.62 6.03 -7.18
N ILE A 67 -2.40 7.11 -7.05
CA ILE A 67 -2.31 8.31 -7.94
C ILE A 67 -1.93 9.56 -7.16
N SER A 68 -0.93 10.30 -7.64
CA SER A 68 -0.64 11.69 -7.27
C SER A 68 -0.73 12.54 -8.56
N GLY A 69 -1.11 13.80 -8.43
CA GLY A 69 -1.07 14.78 -9.52
C GLY A 69 -1.69 16.08 -9.10
N ARG A 70 -2.17 16.87 -10.05
CA ARG A 70 -2.72 18.22 -9.76
C ARG A 70 -4.17 18.28 -10.23
N VAL A 71 -5.04 18.83 -9.40
CA VAL A 71 -6.44 19.12 -9.80
C VAL A 71 -6.39 20.30 -10.79
N VAL A 72 -6.81 20.06 -12.05
CA VAL A 72 -6.73 21.08 -13.15
C VAL A 72 -8.15 21.46 -13.58
N GLN A 73 -9.17 20.77 -13.10
CA GLN A 73 -10.57 21.09 -13.44
C GLN A 73 -11.43 20.56 -12.32
N ALA A 74 -12.54 21.24 -12.02
CA ALA A 74 -13.40 20.85 -10.88
C ALA A 74 -14.85 21.24 -11.16
N GLY A 75 -15.76 20.38 -10.72
CA GLY A 75 -17.19 20.67 -10.59
C GLY A 75 -17.38 21.79 -9.59
N ALA A 76 -18.54 22.41 -9.61
CA ALA A 76 -18.80 23.65 -8.84
C ALA A 76 -18.59 23.42 -7.34
N ASN A 77 -18.91 22.21 -6.84
CA ASN A 77 -18.89 21.94 -5.38
C ASN A 77 -17.46 21.63 -4.94
N ALA A 78 -16.55 21.39 -5.88
CA ALA A 78 -15.17 20.89 -5.66
C ALA A 78 -14.13 21.93 -6.02
N ALA A 79 -14.54 23.16 -6.32
CA ALA A 79 -13.65 24.19 -6.93
C ALA A 79 -12.48 24.53 -6.01
N GLN A 80 -12.61 24.32 -4.69
CA GLN A 80 -11.54 24.64 -3.70
C GLN A 80 -10.32 23.74 -3.93
N TRP A 81 -10.46 22.68 -4.72
CA TRP A 81 -9.33 21.79 -5.09
C TRP A 81 -8.48 22.36 -6.23
N LEU A 82 -8.99 23.36 -6.97
CA LEU A 82 -8.36 23.77 -8.26
C LEU A 82 -6.91 24.22 -8.01
N GLY A 83 -5.98 23.62 -8.75
CA GLY A 83 -4.55 23.98 -8.81
C GLY A 83 -3.70 23.28 -7.76
N ARG A 84 -4.33 22.53 -6.86
CA ARG A 84 -3.62 21.90 -5.71
C ARG A 84 -3.09 20.52 -6.07
N ALA A 85 -1.91 20.20 -5.55
CA ALA A 85 -1.23 18.89 -5.63
C ALA A 85 -1.95 17.95 -4.66
N VAL A 86 -2.28 16.75 -5.13
CA VAL A 86 -3.05 15.77 -4.30
C VAL A 86 -2.51 14.36 -4.48
N ILE A 87 -2.80 13.54 -3.47
CA ILE A 87 -2.84 12.07 -3.56
C ILE A 87 -4.32 11.68 -3.53
N VAL A 88 -4.73 10.84 -4.48
CA VAL A 88 -6.11 10.31 -4.52
C VAL A 88 -6.17 9.08 -3.61
N PRO A 89 -7.17 8.94 -2.74
CA PRO A 89 -7.29 7.70 -1.97
C PRO A 89 -7.51 6.48 -2.88
N ALA A 90 -6.87 5.37 -2.61
CA ALA A 90 -7.02 4.11 -3.37
C ALA A 90 -8.46 3.58 -3.22
N VAL A 91 -9.03 3.80 -2.04
CA VAL A 91 -10.43 3.39 -1.74
C VAL A 91 -11.15 4.54 -1.06
N MET A 92 -12.29 4.92 -1.62
CA MET A 92 -13.06 6.13 -1.20
C MET A 92 -14.36 5.60 -0.59
N PRO A 93 -14.52 5.60 0.75
CA PRO A 93 -15.78 5.20 1.40
C PRO A 93 -16.89 6.23 1.17
N CYS A 94 -18.15 5.82 1.31
CA CYS A 94 -19.28 6.68 0.86
C CYS A 94 -19.29 7.91 1.77
N GLY A 95 -18.83 7.76 3.02
CA GLY A 95 -18.69 8.88 3.96
C GLY A 95 -20.05 9.37 4.44
N THR A 96 -21.14 8.73 3.98
CA THR A 96 -22.53 9.16 4.28
C THR A 96 -23.29 8.01 4.95
N CYS A 97 -22.96 6.73 4.67
CA CYS A 97 -23.59 5.51 5.30
C CYS A 97 -23.23 5.48 6.77
N GLU A 98 -24.03 4.75 7.55
CA GLU A 98 -23.92 4.65 9.03
C GLU A 98 -22.58 4.02 9.40
N LEU A 99 -22.03 3.19 8.51
CA LEU A 99 -20.73 2.48 8.73
C LEU A 99 -19.56 3.46 8.60
N CYS A 100 -19.68 4.43 7.68
CA CYS A 100 -18.72 5.56 7.52
C CYS A 100 -18.93 6.62 8.62
N THR A 101 -20.18 7.01 8.90
CA THR A 101 -20.55 7.93 10.02
C THR A 101 -19.77 7.55 11.28
N SER A 102 -19.81 6.25 11.64
CA SER A 102 -19.24 5.67 12.88
C SER A 102 -17.73 5.45 12.70
N GLY A 105 -15.32 2.31 7.92
CA GLY A 105 -15.36 2.86 6.56
C GLY A 105 -14.61 1.98 5.58
N THR A 106 -13.60 1.24 6.05
CA THR A 106 -12.71 0.44 5.18
C THR A 106 -13.56 -0.59 4.41
N ILE A 107 -14.59 -1.13 5.07
CA ILE A 107 -15.49 -2.19 4.52
C ILE A 107 -16.77 -1.61 3.89
N CYS A 108 -16.99 -0.28 3.94
CA CYS A 108 -18.20 0.43 3.38
C CYS A 108 -18.74 -0.29 2.14
N ARG A 109 -20.04 -0.60 2.13
CA ARG A 109 -20.66 -1.47 1.08
C ARG A 109 -20.69 -0.69 -0.22
N ASP A 110 -20.56 0.64 -0.13
CA ASP A 110 -20.70 1.59 -1.26
C ASP A 110 -19.33 2.22 -1.54
N GLN A 111 -18.23 1.64 -1.05
CA GLN A 111 -16.85 2.16 -1.30
C GLN A 111 -16.45 1.97 -2.78
N VAL A 112 -15.70 2.95 -3.29
CA VAL A 112 -15.32 3.08 -4.73
C VAL A 112 -13.79 3.18 -4.82
N MET A 113 -13.25 2.48 -5.80
CA MET A 113 -11.82 2.45 -6.14
C MET A 113 -11.57 2.83 -7.60
N PRO A 114 -10.62 3.74 -7.88
CA PRO A 114 -10.15 3.95 -9.25
C PRO A 114 -9.56 2.67 -9.82
N GLY A 115 -9.59 2.50 -11.15
CA GLY A 115 -9.03 1.31 -11.81
C GLY A 115 -9.77 0.05 -11.43
N ASN A 116 -11.04 0.18 -11.03
CA ASN A 116 -11.95 -0.94 -10.68
C ASN A 116 -13.39 -0.49 -10.93
N ASP A 117 -13.84 0.48 -10.14
CA ASP A 117 -15.22 1.04 -10.18
C ASP A 117 -15.32 2.17 -11.22
N ILE A 118 -14.26 2.98 -11.35
CA ILE A 118 -14.17 4.09 -12.31
C ILE A 118 -12.84 3.98 -13.04
N GLN A 119 -12.73 4.67 -14.17
CA GLN A 119 -11.49 4.76 -14.98
C GLN A 119 -10.32 5.13 -14.06
N GLY A 120 -9.18 4.47 -14.24
CA GLY A 120 -8.00 4.57 -13.36
C GLY A 120 -6.95 5.58 -13.78
N GLY A 121 -5.80 5.49 -13.11
CA GLY A 121 -4.72 6.49 -13.15
C GLY A 121 -3.62 6.14 -14.15
N PHE A 122 -3.73 5.06 -14.94
CA PHE A 122 -2.80 4.76 -16.06
C PHE A 122 -3.22 5.61 -17.27
N ALA A 123 -3.01 6.91 -17.13
CA ALA A 123 -3.70 7.96 -17.91
C ALA A 123 -2.99 9.30 -17.71
N SER A 124 -3.09 10.21 -18.68
CA SER A 124 -2.70 11.63 -18.50
C SER A 124 -3.57 12.30 -17.42
N HIS A 125 -4.86 11.94 -17.39
CA HIS A 125 -5.88 12.54 -16.50
C HIS A 125 -6.85 11.46 -15.99
N VAL A 126 -7.36 11.68 -14.80
CA VAL A 126 -8.38 10.81 -14.18
C VAL A 126 -9.42 11.70 -13.49
N VAL A 127 -10.70 11.40 -13.76
CA VAL A 127 -11.87 12.07 -13.14
C VAL A 127 -12.22 11.26 -11.90
N VAL A 128 -12.11 11.89 -10.74
CA VAL A 128 -12.41 11.21 -9.47
C VAL A 128 -13.36 12.07 -8.65
N PRO A 129 -14.12 11.47 -7.72
CA PRO A 129 -14.84 12.24 -6.71
C PRO A 129 -13.81 12.99 -5.86
N ALA A 130 -14.18 14.18 -5.39
CA ALA A 130 -13.26 15.00 -4.58
C ALA A 130 -13.19 14.44 -3.16
N ARG A 131 -14.12 13.59 -2.71
CA ARG A 131 -14.14 13.14 -1.30
C ARG A 131 -12.81 12.43 -0.91
N GLY A 132 -12.20 12.87 0.20
CA GLY A 132 -11.03 12.21 0.77
C GLY A 132 -9.71 12.52 0.08
N LEU A 133 -9.65 13.47 -0.84
CA LEU A 133 -8.37 13.85 -1.49
C LEU A 133 -7.39 14.32 -0.41
N CYS A 134 -6.11 13.97 -0.56
CA CYS A 134 -5.05 14.36 0.39
C CYS A 134 -4.21 15.46 -0.24
N PRO A 135 -4.17 16.69 0.31
CA PRO A 135 -3.30 17.73 -0.23
C PRO A 135 -1.81 17.42 -0.01
N VAL A 136 -0.95 17.82 -0.93
CA VAL A 136 0.52 17.64 -0.79
C VAL A 136 1.11 19.05 -0.66
N ASP A 137 1.86 19.31 0.41
CA ASP A 137 2.66 20.54 0.61
C ASP A 137 3.86 20.49 -0.33
N GLU A 138 3.87 21.30 -1.38
CA GLU A 138 4.81 21.13 -2.53
C GLU A 138 6.23 21.58 -2.11
N ALA A 139 6.32 22.62 -1.31
CA ALA A 139 7.57 23.07 -0.66
C ALA A 139 8.23 21.88 0.06
N ARG A 140 7.50 21.21 0.96
CA ARG A 140 8.02 20.12 1.82
C ARG A 140 8.47 18.94 0.95
N LEU A 141 7.71 18.63 -0.11
CA LEU A 141 8.01 17.55 -1.08
C LEU A 141 9.39 17.80 -1.72
N ALA A 142 9.63 19.03 -2.19
CA ALA A 142 10.82 19.43 -2.97
C ALA A 142 12.06 19.30 -2.10
N ALA A 143 12.02 19.90 -0.91
CA ALA A 143 13.03 19.77 0.15
C ALA A 143 13.55 18.32 0.22
N ALA A 144 12.64 17.34 0.29
CA ALA A 144 12.95 15.94 0.65
C ALA A 144 13.53 15.19 -0.55
N GLY A 145 13.71 15.88 -1.69
CA GLY A 145 14.31 15.27 -2.90
C GLY A 145 13.36 14.31 -3.56
N LEU A 146 12.06 14.63 -3.52
CA LEU A 146 10.94 13.80 -4.03
C LEU A 146 10.18 14.59 -5.11
N GLN A 147 9.78 13.91 -6.19
CA GLN A 147 8.86 14.41 -7.26
C GLN A 147 7.41 14.30 -6.74
N LEU A 148 6.46 15.07 -7.26
CA LEU A 148 5.02 14.84 -6.94
C LEU A 148 4.66 13.40 -7.37
N ALA A 149 5.20 12.90 -8.49
CA ALA A 149 4.98 11.51 -8.99
C ALA A 149 5.32 10.46 -7.92
N ASP A 150 6.38 10.70 -7.15
CA ASP A 150 6.94 9.77 -6.14
C ASP A 150 5.91 9.47 -5.04
N VAL A 151 5.08 10.44 -4.64
CA VAL A 151 4.16 10.22 -3.48
C VAL A 151 2.86 9.54 -3.93
N SER A 152 2.71 9.26 -5.22
CA SER A 152 1.65 8.37 -5.77
C SER A 152 1.49 7.09 -4.93
N VAL A 153 2.60 6.47 -4.50
CA VAL A 153 2.56 5.15 -3.79
C VAL A 153 2.23 5.33 -2.31
N VAL A 154 2.12 6.56 -1.84
CA VAL A 154 1.49 6.75 -0.51
C VAL A 154 0.07 6.12 -0.54
N ALA A 155 -0.69 6.25 -1.64
CA ALA A 155 -1.99 5.56 -1.82
C ALA A 155 -1.74 4.06 -1.86
N ASP A 156 -2.39 3.34 -0.94
CA ASP A 156 -2.29 1.87 -0.73
C ASP A 156 -0.90 1.49 -0.18
N ALA A 157 0.20 1.68 -0.92
CA ALA A 157 1.47 0.98 -0.58
C ALA A 157 1.97 1.44 0.79
N VAL A 158 1.83 2.73 1.12
CA VAL A 158 2.22 3.30 2.44
C VAL A 158 1.03 3.25 3.41
N THR A 159 -0.18 3.62 2.95
CA THR A 159 -1.36 3.86 3.81
C THR A 159 -1.91 2.54 4.34
N THR A 160 -1.94 1.47 3.54
CA THR A 160 -2.43 0.15 3.97
C THR A 160 -1.69 -0.29 5.24
N PRO A 161 -0.33 -0.39 5.24
CA PRO A 161 0.38 -0.78 6.45
C PRO A 161 0.32 0.31 7.53
N TYR A 162 0.20 1.59 7.20
CA TYR A 162 0.02 2.66 8.20
C TYR A 162 -1.25 2.31 9.02
N GLN A 163 -2.35 2.01 8.33
CA GLN A 163 -3.64 1.61 8.98
C GLN A 163 -3.40 0.41 9.91
N ALA A 164 -2.71 -0.62 9.41
CA ALA A 164 -2.43 -1.88 10.12
C ALA A 164 -1.59 -1.64 11.36
N VAL A 165 -0.56 -0.80 11.28
CA VAL A 165 0.34 -0.50 12.42
C VAL A 165 -0.46 0.28 13.47
N LEU A 166 -1.22 1.27 13.02
CA LEU A 166 -2.01 2.13 13.93
C LEU A 166 -2.98 1.22 14.68
N GLN A 167 -3.70 0.37 13.96
CA GLN A 167 -4.76 -0.53 14.51
C GLN A 167 -4.17 -1.56 15.48
N ALA A 168 -2.88 -1.91 15.36
CA ALA A 168 -2.29 -2.96 16.22
C ALA A 168 -1.78 -2.35 17.54
N GLY A 169 -1.77 -1.02 17.69
CA GLY A 169 -1.36 -0.37 18.94
C GLY A 169 0.12 -0.50 19.18
N VAL A 170 0.88 -0.46 18.07
CA VAL A 170 2.36 -0.58 18.04
C VAL A 170 2.88 0.62 18.81
N GLU A 171 3.59 0.36 19.91
CA GLU A 171 4.08 1.38 20.88
C GLU A 171 5.52 1.09 21.27
N PRO A 172 6.31 2.12 21.70
CA PRO A 172 7.63 1.93 22.30
C PRO A 172 7.74 0.79 23.32
N GLY A 173 8.86 0.05 23.30
CA GLY A 173 9.05 -1.17 24.11
C GLY A 173 8.71 -2.41 23.30
N ASP A 174 7.75 -2.29 22.37
CA ASP A 174 7.29 -3.39 21.49
C ASP A 174 8.38 -3.86 20.53
N VAL A 175 8.36 -5.16 20.28
CA VAL A 175 8.96 -5.81 19.09
C VAL A 175 7.88 -5.92 18.03
N ALA A 176 8.15 -5.35 16.87
CA ALA A 176 7.34 -5.54 15.65
C ALA A 176 8.06 -6.56 14.77
N VAL A 177 7.32 -7.54 14.23
CA VAL A 177 7.82 -8.60 13.31
C VAL A 177 7.04 -8.55 12.02
N VAL A 178 7.70 -8.22 10.90
CA VAL A 178 6.95 -8.20 9.62
C VAL A 178 7.51 -9.25 8.68
N ILE A 179 6.61 -10.10 8.22
CA ILE A 179 6.86 -11.21 7.28
C ILE A 179 6.51 -10.73 5.87
N GLY A 180 7.50 -10.74 4.98
CA GLY A 180 7.33 -10.29 3.59
C GLY A 180 7.58 -8.80 3.51
N VAL A 181 8.78 -8.41 3.08
CA VAL A 181 9.29 -7.03 3.31
C VAL A 181 9.43 -6.29 1.96
N GLY A 182 8.90 -6.88 0.89
CA GLY A 182 8.61 -6.17 -0.38
C GLY A 182 7.34 -5.36 -0.26
N GLY A 183 7.29 -4.23 -0.96
CA GLY A 183 6.12 -3.34 -1.09
C GLY A 183 5.54 -2.96 0.26
N VAL A 184 4.31 -3.38 0.53
CA VAL A 184 3.54 -3.00 1.74
C VAL A 184 4.34 -3.33 3.00
N GLY A 185 4.94 -4.53 3.05
CA GLY A 185 5.77 -5.00 4.18
C GLY A 185 6.96 -4.11 4.44
N GLY A 186 7.63 -3.64 3.38
CA GLY A 186 8.69 -2.65 3.53
C GLY A 186 8.21 -1.42 4.30
N TYR A 187 7.04 -0.88 3.96
CA TYR A 187 6.49 0.30 4.66
C TYR A 187 6.01 -0.07 6.06
N ALA A 188 5.51 -1.29 6.31
CA ALA A 188 5.15 -1.75 7.67
C ALA A 188 6.40 -1.67 8.58
N VAL A 189 7.54 -2.11 8.07
CA VAL A 189 8.84 -2.03 8.79
C VAL A 189 9.08 -0.55 9.10
N GLN A 190 9.06 0.33 8.09
CA GLN A 190 9.48 1.74 8.30
C GLN A 190 8.53 2.41 9.29
N ILE A 191 7.24 2.12 9.18
CA ILE A 191 6.20 2.79 10.01
C ILE A 191 6.25 2.26 11.45
N ALA A 192 6.34 0.95 11.64
CA ALA A 192 6.46 0.36 12.99
C ALA A 192 7.66 1.02 13.69
N ASN A 193 8.77 1.24 12.97
CA ASN A 193 10.00 1.86 13.51
C ASN A 193 9.66 3.28 13.95
N ALA A 194 8.96 4.02 13.09
CA ALA A 194 8.61 5.44 13.33
C ALA A 194 7.71 5.48 14.57
N PHE A 195 6.84 4.48 14.73
CA PHE A 195 5.85 4.41 15.85
C PHE A 195 6.54 4.03 17.18
N GLY A 196 7.79 3.59 17.12
CA GLY A 196 8.63 3.33 18.31
C GLY A 196 9.02 1.87 18.52
N ALA A 197 8.58 0.95 17.67
CA ALA A 197 8.90 -0.49 17.78
C ALA A 197 10.34 -0.70 17.33
N SER A 198 10.95 -1.75 17.86
CA SER A 198 12.18 -2.37 17.32
C SER A 198 11.75 -3.46 16.33
N VAL A 199 12.02 -3.26 15.05
CA VAL A 199 11.43 -4.12 13.99
C VAL A 199 12.40 -5.21 13.51
N VAL A 200 11.83 -6.41 13.41
CA VAL A 200 12.44 -7.63 12.81
C VAL A 200 11.82 -7.81 11.43
N ALA A 201 12.66 -7.75 10.39
CA ALA A 201 12.30 -8.04 8.98
C ALA A 201 12.61 -9.51 8.69
N ILE A 202 11.60 -10.25 8.26
CA ILE A 202 11.69 -11.67 7.83
C ILE A 202 11.31 -11.75 6.36
N ASP A 203 12.19 -12.26 5.51
CA ASP A 203 11.87 -12.48 4.08
C ASP A 203 12.74 -13.64 3.58
N VAL A 204 12.36 -14.24 2.46
CA VAL A 204 13.16 -15.30 1.77
C VAL A 204 14.25 -14.65 0.90
N ASP A 205 14.15 -13.35 0.64
CA ASP A 205 15.02 -12.62 -0.33
C ASP A 205 16.09 -11.82 0.40
N PRO A 206 17.37 -12.27 0.38
CA PRO A 206 18.46 -11.55 1.03
C PRO A 206 18.63 -10.08 0.61
N ALA A 207 18.37 -9.75 -0.65
CA ALA A 207 18.49 -8.36 -1.15
C ALA A 207 17.45 -7.47 -0.45
N LYS A 208 16.23 -7.97 -0.27
CA LYS A 208 15.13 -7.23 0.41
C LYS A 208 15.55 -6.92 1.85
N LEU A 209 16.07 -7.94 2.53
CA LEU A 209 16.60 -7.82 3.91
C LEU A 209 17.70 -6.74 3.96
N GLU A 210 18.74 -6.89 3.14
CA GLU A 210 19.84 -5.90 3.04
C GLU A 210 19.22 -4.50 2.99
N MET A 211 18.26 -4.32 2.08
CA MET A 211 17.62 -3.00 1.89
C MET A 211 16.95 -2.58 3.21
N MET A 212 16.13 -3.43 3.80
CA MET A 212 15.35 -3.05 5.02
C MET A 212 16.29 -2.84 6.23
N SER A 213 17.42 -3.55 6.30
CA SER A 213 18.53 -3.28 7.26
C SER A 213 18.87 -1.79 7.30
N LYS A 214 18.78 -1.11 6.15
CA LYS A 214 19.18 0.32 6.04
C LYS A 214 17.99 1.27 6.31
N HIS A 215 16.76 0.77 6.48
CA HIS A 215 15.53 1.62 6.58
C HIS A 215 14.54 1.10 7.64
N GLY A 216 15.01 0.83 8.87
CA GLY A 216 14.13 0.66 10.05
C GLY A 216 14.14 -0.75 10.64
N ALA A 217 14.67 -1.75 9.93
CA ALA A 217 14.81 -3.12 10.45
C ALA A 217 16.03 -3.12 11.38
N ALA A 218 15.80 -3.25 12.68
CA ALA A 218 16.85 -3.42 13.71
C ALA A 218 17.47 -4.82 13.58
N LEU A 219 16.73 -5.79 13.05
CA LEU A 219 17.15 -7.20 12.83
C LEU A 219 16.63 -7.69 11.48
N THR A 220 17.38 -8.57 10.81
CA THR A 220 16.89 -9.29 9.60
C THR A 220 17.05 -10.80 9.79
N LEU A 221 16.06 -11.56 9.34
CA LEU A 221 16.06 -13.04 9.40
C LEU A 221 15.61 -13.61 8.05
N ASN A 222 16.53 -14.32 7.40
CA ASN A 222 16.27 -15.03 6.12
C ASN A 222 15.47 -16.28 6.46
N ALA A 223 14.19 -16.28 6.07
CA ALA A 223 13.24 -17.37 6.33
C ALA A 223 13.60 -18.62 5.52
N ARG A 224 14.55 -18.52 4.57
CA ARG A 224 15.07 -19.71 3.83
C ARG A 224 16.04 -20.48 4.72
N GLU A 225 16.89 -19.75 5.44
CA GLU A 225 18.02 -20.25 6.27
C GLU A 225 17.54 -20.92 7.56
N ILE A 226 16.34 -20.58 8.07
CA ILE A 226 15.97 -20.73 9.51
C ILE A 226 14.49 -21.13 9.69
N SER A 227 14.23 -22.27 10.34
CA SER A 227 12.87 -22.80 10.65
C SER A 227 12.23 -22.01 11.80
N GLY A 228 10.94 -22.30 12.09
CA GLY A 228 10.13 -21.67 13.14
C GLY A 228 10.90 -21.34 14.42
N ARG A 229 11.72 -22.26 14.94
CA ARG A 229 12.25 -22.24 16.33
C ARG A 229 13.43 -21.25 16.46
N ASP A 230 14.39 -21.33 15.54
CA ASP A 230 15.56 -20.41 15.55
C ASP A 230 15.04 -18.98 15.39
N LEU A 231 13.97 -18.82 14.60
CA LEU A 231 13.31 -17.52 14.29
C LEU A 231 12.95 -16.83 15.61
N LYS A 232 12.14 -17.50 16.44
CA LYS A 232 11.74 -17.03 17.81
C LYS A 232 12.99 -16.70 18.63
N LYS A 233 13.94 -17.64 18.76
CA LYS A 233 15.09 -17.47 19.67
C LYS A 233 15.99 -16.32 19.18
N ALA A 234 16.05 -16.06 17.87
CA ALA A 234 16.86 -14.92 17.37
C ALA A 234 16.23 -13.60 17.84
N ILE A 235 14.90 -13.54 17.87
CA ILE A 235 14.15 -12.26 18.15
C ILE A 235 14.21 -11.96 19.66
N GLU A 236 14.10 -12.99 20.48
CA GLU A 236 14.29 -12.89 21.96
C GLU A 236 15.70 -12.37 22.25
N ALA A 237 16.71 -12.80 21.50
CA ALA A 237 18.10 -12.30 21.67
C ALA A 237 18.07 -10.79 21.51
N HIS A 238 17.51 -10.33 20.38
CA HIS A 238 17.39 -8.91 19.98
C HIS A 238 16.68 -8.16 21.12
N ALA A 239 15.56 -8.71 21.61
CA ALA A 239 14.71 -8.11 22.67
C ALA A 239 15.54 -7.91 23.96
N LYS A 240 16.23 -8.97 24.40
CA LYS A 240 17.03 -8.96 25.64
C LYS A 240 18.26 -8.04 25.49
N ALA A 241 18.88 -8.00 24.31
CA ALA A 241 20.00 -7.08 24.01
C ALA A 241 19.58 -5.63 24.32
N ASN A 242 18.41 -5.22 23.83
CA ASN A 242 17.98 -3.79 23.81
C ASN A 242 16.92 -3.50 24.89
N GLY A 243 16.63 -4.47 25.75
CA GLY A 243 15.73 -4.31 26.92
C GLY A 243 14.27 -4.17 26.51
N LEU A 244 13.82 -5.03 25.61
CA LEU A 244 12.50 -4.92 24.97
C LEU A 244 11.64 -6.07 25.46
N ARG A 245 10.32 -5.89 25.37
CA ARG A 245 9.30 -6.84 25.86
C ARG A 245 9.46 -8.18 25.13
N LEU A 246 9.29 -9.31 25.85
CA LEU A 246 9.32 -10.68 25.26
C LEU A 246 7.89 -11.19 25.02
N THR A 247 6.86 -10.41 25.42
CA THR A 247 5.43 -10.64 25.11
C THR A 247 4.87 -9.49 24.25
N ARG A 248 3.64 -9.67 23.77
CA ARG A 248 2.78 -8.60 23.16
C ARG A 248 3.41 -8.15 21.84
N TRP A 249 4.15 -9.05 21.19
CA TRP A 249 4.77 -8.78 19.87
C TRP A 249 3.72 -8.36 18.85
N LYS A 250 4.09 -7.45 17.98
CA LYS A 250 3.20 -6.92 16.92
C LYS A 250 3.70 -7.51 15.60
N ILE A 251 3.01 -8.54 15.11
CA ILE A 251 3.36 -9.40 13.94
C ILE A 251 2.49 -8.96 12.77
N PHE A 252 3.10 -8.68 11.62
CA PHE A 252 2.38 -8.25 10.40
C PHE A 252 2.70 -9.22 9.27
N GLU A 253 1.73 -9.99 8.81
CA GLU A 253 1.88 -10.86 7.63
C GLU A 253 1.61 -9.97 6.41
N CYS A 254 2.65 -9.67 5.65
CA CYS A 254 2.61 -8.68 4.55
C CYS A 254 2.91 -9.34 3.21
N SER A 255 3.32 -10.61 3.21
CA SER A 255 3.66 -11.31 1.94
C SER A 255 2.40 -11.66 1.16
N GLY A 256 1.28 -11.92 1.84
CA GLY A 256 0.05 -12.43 1.22
C GLY A 256 0.32 -13.76 0.54
N THR A 257 0.96 -14.67 1.27
CA THR A 257 1.18 -16.07 0.88
C THR A 257 0.77 -16.95 2.05
N GLY A 258 0.28 -18.16 1.79
CA GLY A 258 0.14 -19.22 2.79
C GLY A 258 1.44 -19.48 3.55
N ALA A 259 2.58 -19.48 2.85
CA ALA A 259 3.93 -19.68 3.44
C ALA A 259 4.19 -18.63 4.53
N GLY A 260 4.00 -17.35 4.20
CA GLY A 260 4.13 -16.20 5.11
C GLY A 260 3.16 -16.28 6.30
N GLN A 261 1.89 -16.61 6.05
CA GLN A 261 0.81 -16.74 7.06
C GLN A 261 1.12 -17.88 8.04
N THR A 262 1.53 -19.05 7.55
CA THR A 262 2.01 -20.17 8.41
C THR A 262 3.12 -19.68 9.33
N SER A 263 4.09 -18.97 8.74
CA SER A 263 5.34 -18.47 9.36
C SER A 263 5.02 -17.43 10.45
N ALA A 264 4.18 -16.44 10.13
CA ALA A 264 3.69 -15.41 11.06
C ALA A 264 2.90 -16.05 12.21
N TYR A 265 1.93 -16.93 11.92
CA TYR A 265 1.07 -17.63 12.92
C TYR A 265 1.96 -18.42 13.87
N GLY A 266 2.97 -19.05 13.29
CA GLY A 266 4.07 -19.73 14.01
C GLY A 266 4.79 -18.88 15.04
N LEU A 267 4.81 -17.54 14.91
CA LEU A 267 5.62 -16.64 15.79
C LEU A 267 4.77 -15.98 16.88
N LEU A 268 3.51 -16.39 17.03
CA LEU A 268 2.60 -15.93 18.12
C LEU A 268 3.32 -16.20 19.46
N THR A 269 3.32 -15.20 20.36
CA THR A 269 3.81 -15.28 21.75
C THR A 269 2.69 -14.74 22.63
N HIS A 270 2.91 -14.67 23.95
CA HIS A 270 1.84 -14.33 24.91
C HIS A 270 1.39 -12.89 24.66
N GLY A 271 0.08 -12.67 24.53
CA GLY A 271 -0.53 -11.33 24.33
C GLY A 271 -0.22 -10.73 22.96
N ALA A 272 0.29 -11.51 21.99
CA ALA A 272 0.74 -10.99 20.68
C ALA A 272 -0.47 -10.57 19.85
N THR A 273 -0.23 -9.68 18.90
CA THR A 273 -1.18 -9.24 17.86
C THR A 273 -0.66 -9.74 16.51
N LEU A 274 -1.48 -10.47 15.76
CA LEU A 274 -1.13 -10.90 14.39
C LEU A 274 -1.99 -10.07 13.45
N ALA A 275 -1.35 -9.19 12.70
CA ALA A 275 -2.00 -8.31 11.71
C ALA A 275 -1.90 -8.99 10.34
N VAL A 276 -3.07 -9.20 9.76
CA VAL A 276 -3.24 -9.83 8.42
C VAL A 276 -3.41 -8.69 7.42
N VAL A 277 -2.35 -8.40 6.67
CA VAL A 277 -2.22 -7.22 5.79
C VAL A 277 -2.19 -7.69 4.33
N GLY A 278 -1.51 -8.79 4.02
CA GLY A 278 -1.37 -9.31 2.66
C GLY A 278 -2.55 -10.16 2.25
N PHE A 279 -3.16 -9.88 1.10
CA PHE A 279 -4.34 -10.64 0.66
C PHE A 279 -3.86 -11.83 -0.18
N THR A 280 -4.42 -13.00 0.08
CA THR A 280 -4.33 -14.19 -0.80
C THR A 280 -5.56 -15.05 -0.56
N MET A 281 -6.02 -15.74 -1.61
CA MET A 281 -7.16 -16.69 -1.52
C MET A 281 -6.69 -18.05 -0.98
N ASP A 282 -5.38 -18.23 -0.77
CA ASP A 282 -4.79 -19.50 -0.28
C ASP A 282 -5.31 -19.75 1.14
N LYS A 283 -5.66 -20.99 1.45
CA LYS A 283 -6.04 -21.44 2.81
C LYS A 283 -4.79 -22.02 3.46
N VAL A 284 -4.62 -21.79 4.76
CA VAL A 284 -3.53 -22.37 5.58
C VAL A 284 -4.16 -23.36 6.55
N GLU A 285 -3.33 -24.24 7.11
CA GLU A 285 -3.65 -25.17 8.23
C GLU A 285 -3.00 -24.62 9.50
N VAL A 286 -3.82 -24.23 10.47
CA VAL A 286 -3.37 -23.68 11.77
C VAL A 286 -4.34 -24.19 12.85
N ARG A 287 -3.87 -24.34 14.07
CA ARG A 287 -4.84 -24.56 15.18
C ARG A 287 -5.19 -23.19 15.73
N LEU A 288 -6.44 -22.78 15.45
CA LEU A 288 -7.08 -21.54 15.92
C LEU A 288 -6.86 -21.40 17.44
N SER A 289 -6.69 -22.51 18.17
CA SER A 289 -6.65 -22.49 19.66
C SER A 289 -5.30 -21.96 20.17
N ASN A 290 -4.28 -21.85 19.32
CA ASN A 290 -3.03 -21.14 19.69
C ASN A 290 -3.37 -19.72 20.16
N LEU A 291 -4.37 -19.09 19.55
CA LEU A 291 -4.86 -17.73 19.94
C LEU A 291 -5.25 -17.74 21.42
N MET A 292 -5.82 -18.83 21.88
CA MET A 292 -6.23 -18.98 23.30
C MET A 292 -5.00 -19.08 24.19
N ALA A 293 -4.12 -20.06 23.95
CA ALA A 293 -2.93 -20.32 24.81
C ALA A 293 -2.09 -19.05 24.98
N PHE A 294 -2.09 -18.17 23.97
CA PHE A 294 -1.23 -16.97 23.95
C PHE A 294 -2.04 -15.74 24.37
N HIS A 295 -3.32 -15.92 24.67
CA HIS A 295 -4.33 -14.81 24.79
C HIS A 295 -4.06 -13.75 23.72
N ALA A 296 -4.07 -14.17 22.46
CA ALA A 296 -3.64 -13.39 21.28
C ALA A 296 -4.86 -13.04 20.43
N ARG A 297 -4.64 -12.13 19.48
CA ARG A 297 -5.72 -11.66 18.59
C ARG A 297 -5.14 -11.57 17.18
N ALA A 298 -5.99 -11.80 16.20
CA ALA A 298 -5.67 -11.70 14.77
C ALA A 298 -6.55 -10.57 14.20
N LEU A 299 -5.92 -9.53 13.67
CA LEU A 299 -6.61 -8.30 13.16
C LEU A 299 -6.51 -8.25 11.65
N GLY A 300 -7.64 -8.34 10.95
CA GLY A 300 -7.70 -8.18 9.48
C GLY A 300 -7.70 -6.72 9.07
N ASN A 301 -6.75 -6.31 8.23
CA ASN A 301 -6.68 -4.94 7.68
C ASN A 301 -7.24 -4.95 6.25
N TRP A 302 -8.13 -4.02 5.95
CA TRP A 302 -8.54 -3.65 4.57
C TRP A 302 -8.21 -2.19 4.28
N GLY A 303 -7.21 -1.93 3.44
CA GLY A 303 -6.88 -0.59 2.99
C GLY A 303 -6.67 0.37 4.14
N CYS A 304 -7.18 1.58 4.04
CA CYS A 304 -6.85 2.70 4.95
C CYS A 304 -7.90 3.79 4.78
N LEU A 305 -8.54 4.20 5.87
CA LEU A 305 -9.40 5.40 5.88
C LEU A 305 -8.64 6.58 5.31
N PRO A 306 -9.25 7.34 4.37
CA PRO A 306 -8.63 8.55 3.81
C PRO A 306 -8.11 9.50 4.88
N GLU A 307 -8.75 9.54 6.06
CA GLU A 307 -8.39 10.50 7.13
C GLU A 307 -6.93 10.32 7.59
N TYR A 308 -6.29 9.18 7.33
CA TYR A 308 -4.89 8.92 7.79
C TYR A 308 -3.89 9.30 6.70
N TYR A 309 -4.33 9.68 5.50
CA TYR A 309 -3.38 9.94 4.39
C TYR A 309 -2.46 11.10 4.78
N PRO A 310 -2.96 12.24 5.34
CA PRO A 310 -2.05 13.32 5.73
C PRO A 310 -0.96 12.83 6.68
N ALA A 311 -1.26 12.02 7.71
CA ALA A 311 -0.24 11.57 8.70
C ALA A 311 0.81 10.69 8.02
N ALA A 312 0.39 9.78 7.14
CA ALA A 312 1.30 8.89 6.40
C ALA A 312 2.20 9.76 5.52
N LEU A 313 1.64 10.68 4.76
CA LEU A 313 2.45 11.57 3.89
C LEU A 313 3.44 12.34 4.76
N ASP A 314 2.99 12.83 5.92
CA ASP A 314 3.81 13.59 6.89
C ASP A 314 5.07 12.79 7.21
N LEU A 315 4.97 11.46 7.37
CA LEU A 315 6.12 10.59 7.68
C LEU A 315 7.13 10.71 6.54
N VAL A 316 6.61 10.75 5.31
CA VAL A 316 7.47 10.77 4.09
C VAL A 316 8.15 12.13 4.03
N LEU A 317 7.37 13.19 4.20
CA LEU A 317 7.87 14.59 4.01
C LEU A 317 9.02 14.79 5.02
N ASP A 318 8.86 14.23 6.23
CA ASP A 318 9.74 14.47 7.41
C ASP A 318 10.90 13.48 7.46
N ALA A 319 11.04 12.63 6.45
CA ALA A 319 12.15 11.65 6.32
C ALA A 319 12.03 10.57 7.40
N ALA A 320 10.92 10.53 8.14
CA ALA A 320 10.70 9.50 9.18
C ALA A 320 10.63 8.13 8.49
N ILE A 321 10.09 8.08 7.27
CA ILE A 321 10.25 6.93 6.35
C ILE A 321 10.80 7.47 5.02
N ASP A 322 11.28 6.56 4.18
CA ASP A 322 11.93 6.80 2.87
C ASP A 322 11.15 6.08 1.76
N LEU A 323 10.75 6.81 0.70
CA LEU A 323 10.12 6.23 -0.53
C LEU A 323 11.17 6.00 -1.61
N ALA A 324 12.15 6.90 -1.73
CA ALA A 324 13.06 7.03 -2.90
C ALA A 324 13.78 5.71 -3.21
N SER A 325 14.28 4.98 -2.19
CA SER A 325 14.99 3.69 -2.40
C SER A 325 14.00 2.59 -2.75
N PHE A 326 12.69 2.87 -2.76
CA PHE A 326 11.65 1.82 -2.91
C PHE A 326 10.77 2.10 -4.13
N ILE A 327 11.16 3.04 -4.99
CA ILE A 327 10.35 3.38 -6.21
C ILE A 327 11.26 3.38 -7.43
N GLU A 328 10.66 3.18 -8.60
CA GLU A 328 11.36 3.31 -9.89
C GLU A 328 10.37 3.85 -10.93
N ARG A 329 10.81 4.83 -11.71
CA ARG A 329 9.90 5.59 -12.60
C ARG A 329 10.00 5.00 -13.99
N HIS A 330 8.86 4.77 -14.65
CA HIS A 330 8.75 4.34 -16.06
C HIS A 330 7.75 5.19 -16.81
N PRO A 331 7.88 5.27 -18.16
CA PRO A 331 6.90 5.93 -19.01
C PRO A 331 5.59 5.15 -18.94
N LEU A 332 4.47 5.86 -18.87
CA LEU A 332 3.12 5.25 -18.93
C LEU A 332 3.01 4.44 -20.23
N ASP A 333 3.56 4.91 -21.35
CA ASP A 333 3.38 4.14 -22.62
C ASP A 333 4.18 2.83 -22.61
N GLN A 334 5.00 2.53 -21.61
CA GLN A 334 5.69 1.21 -21.43
C GLN A 334 4.91 0.31 -20.45
N ILE A 335 3.64 0.61 -20.20
CA ILE A 335 2.78 -0.15 -19.23
C ILE A 335 2.87 -1.66 -19.51
N GLY A 336 2.77 -2.10 -20.77
CA GLY A 336 2.92 -3.52 -21.12
C GLY A 336 4.20 -4.13 -20.58
N GLU A 337 5.36 -3.54 -20.89
CA GLU A 337 6.69 -4.03 -20.44
C GLU A 337 6.73 -4.10 -18.90
N VAL A 338 6.22 -3.08 -18.23
CA VAL A 338 6.25 -2.97 -16.75
C VAL A 338 5.36 -4.04 -16.13
N PHE A 339 4.15 -4.22 -16.65
CA PHE A 339 3.17 -5.23 -16.19
C PHE A 339 3.87 -6.59 -16.28
N ALA A 340 4.45 -6.88 -17.45
CA ALA A 340 5.12 -8.17 -17.77
C ALA A 340 6.29 -8.39 -16.79
N ALA A 341 7.15 -7.38 -16.58
CA ALA A 341 8.29 -7.41 -15.63
C ALA A 341 7.83 -7.57 -14.17
N ALA A 342 6.80 -6.86 -13.73
CA ALA A 342 6.27 -7.00 -12.34
C ALA A 342 5.71 -8.43 -12.14
N HIS A 343 5.00 -8.97 -13.14
CA HIS A 343 4.34 -10.30 -13.07
C HIS A 343 5.39 -11.41 -12.96
N ALA A 344 6.51 -11.24 -13.68
CA ALA A 344 7.63 -12.20 -13.70
C ALA A 344 8.53 -11.94 -12.49
N HIS A 345 8.11 -11.05 -11.58
CA HIS A 345 8.83 -10.60 -10.36
C HIS A 345 10.26 -10.17 -10.70
N LYS A 346 10.45 -9.40 -11.78
CA LYS A 346 11.76 -8.90 -12.25
C LYS A 346 12.06 -7.52 -11.64
N LEU A 347 11.05 -6.84 -11.07
CA LEU A 347 11.19 -5.48 -10.47
C LEU A 347 11.63 -5.59 -9.01
N THR A 348 12.63 -4.81 -8.59
CA THR A 348 13.13 -4.78 -7.18
C THR A 348 12.54 -3.60 -6.41
N ARG A 349 11.75 -2.74 -7.07
CA ARG A 349 11.11 -1.58 -6.41
C ARG A 349 9.69 -1.42 -6.96
N ARG A 350 8.90 -0.50 -6.41
CA ARG A 350 7.53 -0.28 -6.91
C ARG A 350 7.62 0.62 -8.15
N ALA A 351 7.10 0.16 -9.28
CA ALA A 351 7.03 0.95 -10.53
C ALA A 351 5.96 2.04 -10.37
N ILE A 352 6.32 3.24 -10.82
CA ILE A 352 5.42 4.43 -10.96
C ILE A 352 5.37 4.77 -12.45
N LEU A 353 4.19 4.62 -13.08
CA LEU A 353 3.93 5.02 -14.49
C LEU A 353 3.63 6.52 -14.52
N THR A 354 4.36 7.22 -15.40
CA THR A 354 4.39 8.69 -15.48
C THR A 354 4.06 9.08 -16.93
N PRO A 355 2.98 9.86 -17.16
CA PRO A 355 2.62 10.27 -18.50
C PRO A 355 3.70 11.13 -19.18
C1 EDO B . 5.74 14.05 -12.80
O1 EDO B . 4.81 14.90 -13.41
C2 EDO B . 6.05 12.84 -13.60
O2 EDO B . 5.04 12.54 -14.54
C1 EDO C . -5.76 1.35 0.58
O1 EDO C . -7.17 1.52 0.67
C2 EDO C . -5.08 1.90 1.76
O2 EDO C . -4.02 2.76 1.48
ZN ZN D . -20.16 4.25 3.62
ZN ZN E . -2.37 -0.83 -4.72
#